data_2C5F
#
_entry.id   2C5F
#
_cell.length_a   112.260
_cell.length_b   112.260
_cell.length_c   137.000
_cell.angle_alpha   90.00
_cell.angle_beta   90.00
_cell.angle_gamma   120.00
#
_symmetry.space_group_name_H-M   'P 31 2 1'
#
loop_
_entity.id
_entity.type
_entity.pdbx_description
1 polymer ACETYLCHOLINESTERASE
2 non-polymer 2-acetamido-2-deoxy-beta-D-glucopyranose
3 non-polymer 'TRIETHYLENE GLYCOL'
4 non-polymer 4,4-DIHYDROXY-N,N,N-TRIMETHYLPENTAN-1-AMINIUM
5 non-polymer N,N,N-TRIMETHYL-4-OXOPENTAN-1-AMINIUM
6 water water
#
_entity_poly.entity_id   1
_entity_poly.type   'polypeptide(L)'
_entity_poly.pdbx_seq_one_letter_code
;DDHSELLVNTKSGKVMGTRVPVLSSHISAFLGIPFAEPPVGNMRFRRPEPKKPWSGVWNASTYPNNCQQYVDEQFPGFSG
SEMWNPNREMSEDCLYLNIWVPSPRPKSTTVMVWIYGGGFYSGSSTLDVYNGKYLAYTEEVVLVSLSYRVGAFGFLALHG
SQEAPGNVGLLDQRMALQWVHDNIQFFGGDPKTVTIFGESAGGASVGMHILSPGSRDLFRRAILQSGSPNCPWASVSVAE
GRRRAVELGRNLNCNLNSDEELIHCLREKKPQELIDVEWNVLPFDSIFRFSFVPVIDGEFFPTSLESMLNSGNFKKTQIL
LGVNKDEGSFFLLYGAPGFSKDSESKISREDFMSGVKLSVPHANDLGLDAVTLQYTDWMDDNNGIKNRDGLDDIVGDHNV
ICPLMHFVNKYTKFGNGTYLYFFNHRASNLVWPEWMGVIHGYEIEFVFGLPLVKELNYTAEEEALSRRIMHYWATFAKTG
NPNEPHSQESKWPLFTTKEQKFIDLNTEPMKVHQRLRVQMCVFWNQFLPKLLNATAC
;
_entity_poly.pdbx_strand_id   A
#
loop_
_chem_comp.id
_chem_comp.type
_chem_comp.name
_chem_comp.formula
CHH non-polymer N,N,N-TRIMETHYL-4-OXOPENTAN-1-AMINIUM 'C8 H18 N O 1'
NAG D-saccharide, beta linking 2-acetamido-2-deoxy-beta-D-glucopyranose 'C8 H15 N O6'
NWA non-polymer 4,4-DIHYDROXY-N,N,N-TRIMETHYLPENTAN-1-AMINIUM 'C8 H20 N O2 1'
PGE non-polymer 'TRIETHYLENE GLYCOL' 'C6 H14 O4'
#
# COMPACT_ATOMS: atom_id res chain seq x y z
N SER A 4 30.33 18.77 6.02
CA SER A 4 29.40 18.35 7.12
C SER A 4 28.65 17.08 6.74
N GLU A 5 28.36 16.26 7.74
CA GLU A 5 27.65 15.01 7.51
C GLU A 5 26.20 15.26 7.08
N LEU A 6 25.65 16.41 7.48
CA LEU A 6 24.28 16.75 7.13
C LEU A 6 24.20 17.45 5.78
N LEU A 7 25.34 17.63 5.13
CA LEU A 7 25.36 18.28 3.83
C LEU A 7 25.68 17.24 2.77
N VAL A 8 24.84 17.18 1.74
CA VAL A 8 25.02 16.23 0.65
C VAL A 8 24.75 16.90 -0.68
N ASN A 9 25.65 16.70 -1.62
CA ASN A 9 25.49 17.28 -2.95
C ASN A 9 24.96 16.18 -3.87
N THR A 10 23.87 16.47 -4.57
CA THR A 10 23.26 15.51 -5.48
C THR A 10 23.25 16.10 -6.88
N LYS A 11 22.82 15.31 -7.85
CA LYS A 11 22.77 15.75 -9.23
C LYS A 11 21.75 16.86 -9.45
N SER A 12 20.84 17.04 -8.50
CA SER A 12 19.82 18.07 -8.61
C SER A 12 20.20 19.31 -7.81
N GLY A 13 21.20 19.16 -6.95
CA GLY A 13 21.67 20.25 -6.12
C GLY A 13 22.06 19.75 -4.75
N LYS A 14 22.41 20.68 -3.86
CA LYS A 14 22.80 20.33 -2.50
C LYS A 14 21.65 20.36 -1.52
N VAL A 15 21.67 19.46 -0.54
CA VAL A 15 20.62 19.40 0.48
C VAL A 15 21.25 19.39 1.88
N MET A 16 20.60 20.10 2.80
CA MET A 16 21.09 20.16 4.19
C MET A 16 20.14 19.37 5.09
N GLY A 17 20.63 18.25 5.62
CA GLY A 17 19.83 17.41 6.49
C GLY A 17 19.70 17.96 7.89
N THR A 18 19.36 17.07 8.83
CA THR A 18 19.20 17.44 10.22
C THR A 18 19.47 16.22 11.10
N ARG A 19 20.21 16.44 12.20
CA ARG A 19 20.54 15.34 13.09
C ARG A 19 19.33 14.97 13.93
N VAL A 20 18.99 13.68 13.92
CA VAL A 20 17.82 13.21 14.65
C VAL A 20 18.17 12.16 15.68
N PRO A 21 17.60 12.29 16.88
CA PRO A 21 17.85 11.35 17.98
C PRO A 21 16.98 10.12 17.79
N VAL A 22 17.56 8.95 18.00
CA VAL A 22 16.84 7.70 17.87
C VAL A 22 17.39 6.69 18.86
N LEU A 23 16.55 6.27 19.80
CA LEU A 23 16.95 5.29 20.81
C LEU A 23 18.28 5.67 21.50
N SER A 24 18.28 6.83 22.15
CA SER A 24 19.47 7.30 22.85
C SER A 24 20.68 7.28 21.93
N SER A 25 20.50 7.77 20.71
CA SER A 25 21.57 7.84 19.72
C SER A 25 21.17 8.84 18.66
N HIS A 26 21.87 8.87 17.54
CA HIS A 26 21.56 9.82 16.49
C HIS A 26 21.86 9.34 15.07
N ILE A 27 21.08 9.83 14.11
CA ILE A 27 21.28 9.51 12.69
C ILE A 27 20.88 10.74 11.89
N SER A 28 21.21 10.74 10.60
CA SER A 28 20.90 11.87 9.75
C SER A 28 19.54 11.69 9.08
N ALA A 29 18.84 12.80 8.87
CA ALA A 29 17.53 12.76 8.24
C ALA A 29 17.43 13.87 7.22
N PHE A 30 17.04 13.53 6.01
CA PHE A 30 16.88 14.52 4.94
C PHE A 30 15.42 14.49 4.54
N LEU A 31 14.64 15.40 5.13
CA LEU A 31 13.21 15.45 4.88
C LEU A 31 12.80 16.48 3.83
N GLY A 32 11.79 16.11 3.04
CA GLY A 32 11.25 17.00 2.02
C GLY A 32 12.11 17.31 0.80
N ILE A 33 12.87 16.33 0.31
CA ILE A 33 13.69 16.57 -0.86
C ILE A 33 12.79 16.47 -2.10
N PRO A 34 12.75 17.52 -2.93
CA PRO A 34 11.92 17.51 -4.14
C PRO A 34 12.47 16.57 -5.21
N PHE A 35 11.60 15.81 -5.87
CA PHE A 35 12.03 14.90 -6.93
C PHE A 35 11.28 15.11 -8.23
N ALA A 36 10.35 16.07 -8.23
CA ALA A 36 9.57 16.39 -9.42
C ALA A 36 9.10 17.82 -9.31
N GLU A 37 8.72 18.41 -10.44
CA GLU A 37 8.21 19.77 -10.44
C GLU A 37 6.82 19.74 -9.82
N PRO A 38 6.46 20.76 -9.04
CA PRO A 38 5.13 20.78 -8.40
C PRO A 38 4.04 20.62 -9.45
N PRO A 39 3.35 19.46 -9.45
CA PRO A 39 2.27 19.15 -10.40
C PRO A 39 1.05 20.04 -10.22
N VAL A 40 1.28 21.35 -10.25
CA VAL A 40 0.21 22.31 -10.05
C VAL A 40 -0.25 23.01 -11.34
N GLY A 41 -1.35 23.75 -11.24
CA GLY A 41 -1.87 24.48 -12.37
C GLY A 41 -2.29 23.63 -13.55
N ASN A 42 -1.80 23.97 -14.73
CA ASN A 42 -2.12 23.22 -15.93
C ASN A 42 -1.47 21.85 -15.92
N MET A 43 -0.63 21.60 -14.92
CA MET A 43 0.03 20.32 -14.80
C MET A 43 -0.82 19.29 -14.04
N ARG A 44 -1.97 19.72 -13.51
CA ARG A 44 -2.83 18.81 -12.78
C ARG A 44 -3.32 17.70 -13.70
N PHE A 45 -3.13 16.46 -13.26
CA PHE A 45 -3.53 15.26 -14.00
C PHE A 45 -2.46 14.84 -15.01
N ARG A 46 -1.45 15.69 -15.19
CA ARG A 46 -0.37 15.38 -16.13
C ARG A 46 0.71 14.50 -15.56
N ARG A 47 1.53 13.92 -16.44
CA ARG A 47 2.65 13.07 -16.01
C ARG A 47 3.61 13.99 -15.27
N PRO A 48 4.34 13.44 -14.28
CA PRO A 48 5.28 14.27 -13.54
C PRO A 48 6.50 14.68 -14.35
N GLU A 49 7.00 15.88 -14.10
CA GLU A 49 8.21 16.38 -14.78
C GLU A 49 9.31 16.34 -13.75
N PRO A 50 10.54 15.98 -14.17
CA PRO A 50 11.63 15.94 -13.19
C PRO A 50 11.90 17.33 -12.60
N LYS A 51 12.27 17.37 -11.32
CA LYS A 51 12.55 18.62 -10.65
C LYS A 51 13.77 19.31 -11.25
N LYS A 52 13.62 20.57 -11.63
CA LYS A 52 14.73 21.33 -12.19
C LYS A 52 15.80 21.56 -11.12
N PRO A 53 17.07 21.31 -11.46
CA PRO A 53 18.17 21.50 -10.51
C PRO A 53 18.14 22.89 -9.89
N TRP A 54 18.52 22.97 -8.62
CA TRP A 54 18.50 24.26 -7.93
C TRP A 54 19.88 24.70 -7.47
N SER A 55 20.05 26.01 -7.36
CA SER A 55 21.31 26.58 -6.89
C SER A 55 21.19 26.70 -5.38
N GLY A 56 22.32 26.82 -4.69
CA GLY A 56 22.26 26.96 -3.25
C GLY A 56 21.96 25.66 -2.53
N VAL A 57 21.66 25.77 -1.24
CA VAL A 57 21.38 24.60 -0.42
C VAL A 57 19.89 24.46 -0.15
N TRP A 58 19.36 23.26 -0.33
CA TRP A 58 17.96 22.99 -0.09
C TRP A 58 17.81 22.57 1.37
N ASN A 59 16.92 23.25 2.09
CA ASN A 59 16.70 22.93 3.50
C ASN A 59 15.83 21.69 3.65
N ALA A 60 16.47 20.55 3.97
CA ALA A 60 15.76 19.29 4.14
C ALA A 60 15.69 18.93 5.60
N SER A 61 15.25 19.87 6.42
CA SER A 61 15.19 19.66 7.86
C SER A 61 13.79 19.37 8.40
N THR A 62 12.77 19.61 7.58
CA THR A 62 11.39 19.35 8.02
C THR A 62 10.55 18.64 6.95
N TYR A 63 9.55 17.89 7.42
CA TYR A 63 8.64 17.16 6.54
C TYR A 63 7.95 18.04 5.53
N PRO A 64 7.71 17.52 4.32
CA PRO A 64 7.04 18.30 3.28
C PRO A 64 5.52 18.26 3.47
N ASN A 65 4.80 18.90 2.55
CA ASN A 65 3.35 18.91 2.60
C ASN A 65 2.86 17.50 2.23
N ASN A 66 1.58 17.25 2.44
CA ASN A 66 1.00 15.96 2.09
C ASN A 66 0.12 16.25 0.87
N CYS A 67 -0.06 15.29 -0.01
CA CYS A 67 -0.88 15.53 -1.20
C CYS A 67 -2.35 15.72 -0.84
N GLN A 68 -3.07 16.44 -1.70
CA GLN A 68 -4.50 16.67 -1.48
C GLN A 68 -5.22 15.33 -1.43
N GLN A 69 -6.00 15.10 -0.39
CA GLN A 69 -6.71 13.84 -0.21
C GLN A 69 -7.90 13.94 0.73
N TYR A 70 -8.77 12.94 0.66
CA TYR A 70 -9.94 12.87 1.52
C TYR A 70 -9.38 12.62 2.91
N VAL A 71 -9.96 13.26 3.92
CA VAL A 71 -9.51 13.11 5.30
C VAL A 71 -10.58 12.41 6.13
N ASP A 72 -10.20 11.32 6.78
CA ASP A 72 -11.13 10.55 7.60
C ASP A 72 -11.50 11.25 8.89
N GLU A 73 -12.75 11.67 8.99
N GLU A 73 -12.75 11.66 8.99
CA GLU A 73 -13.25 12.36 10.18
CA GLU A 73 -13.26 12.36 10.16
C GLU A 73 -14.36 11.53 10.81
C GLU A 73 -14.37 11.53 10.81
N GLN A 74 -14.33 10.23 10.56
CA GLN A 74 -15.33 9.32 11.10
C GLN A 74 -15.28 9.22 12.63
N PHE A 75 -14.11 9.43 13.22
CA PHE A 75 -13.95 9.36 14.68
C PHE A 75 -13.03 10.48 15.16
N PRO A 76 -13.52 11.73 15.11
CA PRO A 76 -12.74 12.90 15.53
C PRO A 76 -12.07 12.70 16.88
N GLY A 77 -10.76 12.91 16.91
CA GLY A 77 -10.00 12.75 18.14
C GLY A 77 -9.51 11.34 18.40
N PHE A 78 -10.06 10.36 17.69
CA PHE A 78 -9.64 8.99 17.88
C PHE A 78 -8.30 8.76 17.18
N SER A 79 -7.33 8.26 17.94
CA SER A 79 -5.99 8.02 17.40
C SER A 79 -5.93 6.88 16.39
N GLY A 80 -6.75 5.85 16.60
CA GLY A 80 -6.74 4.70 15.70
C GLY A 80 -6.97 5.06 14.24
N SER A 81 -7.74 6.11 14.00
CA SER A 81 -8.04 6.52 12.65
C SER A 81 -7.24 7.74 12.21
N GLU A 82 -7.01 8.66 13.14
CA GLU A 82 -6.27 9.87 12.82
C GLU A 82 -4.78 9.67 12.65
N MET A 83 -4.27 8.51 13.05
CA MET A 83 -2.85 8.24 12.88
C MET A 83 -2.56 8.00 11.40
N TRP A 84 -3.62 7.81 10.61
CA TRP A 84 -3.49 7.56 9.18
C TRP A 84 -3.77 8.83 8.40
N ASN A 85 -4.37 9.81 9.05
CA ASN A 85 -4.67 11.08 8.38
C ASN A 85 -3.41 11.90 8.17
N PRO A 86 -3.43 12.80 7.17
CA PRO A 86 -2.25 13.63 6.92
C PRO A 86 -1.95 14.51 8.13
N ASN A 87 -0.70 14.46 8.59
CA ASN A 87 -0.30 15.24 9.75
C ASN A 87 0.43 16.53 9.38
N ARG A 88 0.33 16.92 8.12
N ARG A 88 0.34 16.91 8.12
CA ARG A 88 0.96 18.15 7.66
CA ARG A 88 0.96 18.13 7.61
C ARG A 88 0.05 18.78 6.62
C ARG A 88 -0.07 18.92 6.84
N GLU A 89 0.18 20.07 6.41
N GLU A 89 0.36 19.99 6.18
CA GLU A 89 -0.67 20.78 5.45
CA GLU A 89 -0.55 20.80 5.37
C GLU A 89 -0.75 20.06 4.10
C GLU A 89 -0.72 20.09 4.03
N MET A 90 -1.94 20.08 3.50
CA MET A 90 -2.15 19.43 2.22
C MET A 90 -1.88 20.44 1.12
N SER A 91 -1.42 19.94 -0.03
CA SER A 91 -1.11 20.80 -1.16
C SER A 91 -0.81 19.97 -2.41
N GLU A 92 -1.17 20.48 -3.58
CA GLU A 92 -0.89 19.73 -4.79
C GLU A 92 0.61 19.67 -4.99
N ASP A 93 1.32 20.61 -4.35
CA ASP A 93 2.77 20.64 -4.41
C ASP A 93 3.18 19.73 -3.27
N CYS A 94 3.28 18.44 -3.58
CA CYS A 94 3.57 17.45 -2.56
C CYS A 94 4.54 16.35 -2.99
N LEU A 95 5.15 16.51 -4.16
CA LEU A 95 6.08 15.50 -4.65
C LEU A 95 7.47 15.57 -4.06
N TYR A 96 7.62 15.02 -2.85
CA TYR A 96 8.88 14.99 -2.14
C TYR A 96 9.16 13.61 -1.58
N LEU A 97 10.40 13.39 -1.15
CA LEU A 97 10.80 12.12 -0.56
C LEU A 97 11.65 12.39 0.68
N ASN A 98 11.74 11.41 1.57
CA ASN A 98 12.50 11.54 2.81
C ASN A 98 13.55 10.44 2.94
N ILE A 99 14.70 10.78 3.51
CA ILE A 99 15.76 9.79 3.68
C ILE A 99 16.34 9.78 5.08
N TRP A 100 16.43 8.60 5.68
CA TRP A 100 17.02 8.46 7.01
C TRP A 100 18.34 7.75 6.75
N VAL A 101 19.43 8.46 7.03
CA VAL A 101 20.79 7.95 6.80
C VAL A 101 21.53 7.67 8.09
N PRO A 102 22.12 6.46 8.22
CA PRO A 102 22.87 6.09 9.42
C PRO A 102 24.06 7.02 9.64
N SER A 103 24.46 7.17 10.90
CA SER A 103 25.60 8.02 11.24
C SER A 103 26.66 7.20 11.96
N PRO A 104 27.91 7.25 11.48
CA PRO A 104 28.36 8.03 10.34
C PRO A 104 27.81 7.50 9.01
N ARG A 105 27.69 8.39 8.04
CA ARG A 105 27.17 8.05 6.72
C ARG A 105 27.88 6.84 6.13
N PRO A 106 27.12 5.83 5.68
CA PRO A 106 27.74 4.64 5.10
C PRO A 106 28.30 4.96 3.72
N LYS A 107 28.92 3.98 3.06
CA LYS A 107 29.49 4.22 1.74
C LYS A 107 28.64 3.57 0.65
N SER A 108 28.15 2.37 0.93
CA SER A 108 27.33 1.64 -0.03
C SER A 108 26.48 0.57 0.67
N THR A 109 25.55 1.02 1.52
CA THR A 109 24.70 0.09 2.24
C THR A 109 23.34 -0.13 1.57
N THR A 110 22.62 -1.15 2.03
CA THR A 110 21.30 -1.49 1.51
C THR A 110 20.30 -0.34 1.59
N VAL A 111 19.49 -0.20 0.54
CA VAL A 111 18.49 0.85 0.47
C VAL A 111 17.07 0.27 0.44
N MET A 112 16.17 0.84 1.24
CA MET A 112 14.79 0.40 1.30
C MET A 112 13.89 1.60 1.03
N VAL A 113 13.00 1.49 0.05
CA VAL A 113 12.10 2.57 -0.30
C VAL A 113 10.66 2.20 0.06
N TRP A 114 10.04 3.03 0.89
CA TRP A 114 8.67 2.81 1.36
C TRP A 114 7.63 3.52 0.52
N ILE A 115 6.59 2.76 0.16
CA ILE A 115 5.47 3.29 -0.63
C ILE A 115 4.20 3.14 0.20
N TYR A 116 3.70 4.26 0.72
CA TYR A 116 2.50 4.23 1.55
C TYR A 116 1.23 3.75 0.88
N GLY A 117 0.33 3.18 1.68
CA GLY A 117 -0.93 2.70 1.17
C GLY A 117 -2.01 3.74 1.44
N GLY A 118 -3.27 3.37 1.28
CA GLY A 118 -4.35 4.30 1.50
C GLY A 118 -5.37 4.23 0.36
N GLY A 119 -5.52 3.04 -0.22
CA GLY A 119 -6.46 2.84 -1.30
C GLY A 119 -6.30 3.74 -2.52
N PHE A 120 -5.13 4.34 -2.69
CA PHE A 120 -4.88 5.23 -3.82
C PHE A 120 -5.69 6.52 -3.73
N TYR A 121 -6.41 6.70 -2.62
CA TYR A 121 -7.22 7.90 -2.42
C TYR A 121 -6.69 8.73 -1.25
N SER A 122 -5.75 8.16 -0.50
CA SER A 122 -5.17 8.82 0.64
C SER A 122 -3.78 8.27 0.92
N GLY A 123 -3.11 8.84 1.94
CA GLY A 123 -1.78 8.39 2.30
C GLY A 123 -0.80 9.54 2.49
N SER A 124 0.17 9.34 3.37
CA SER A 124 1.20 10.35 3.63
C SER A 124 2.50 9.65 4.00
N SER A 125 3.61 10.22 3.57
CA SER A 125 4.91 9.64 3.86
C SER A 125 5.44 10.16 5.19
N THR A 126 4.72 11.13 5.75
CA THR A 126 5.13 11.76 7.00
C THR A 126 4.48 11.25 8.28
N LEU A 127 3.60 10.26 8.17
CA LEU A 127 2.94 9.72 9.36
C LEU A 127 3.96 9.23 10.40
N ASP A 128 3.56 9.28 11.66
CA ASP A 128 4.42 8.84 12.77
C ASP A 128 4.79 7.36 12.60
N VAL A 129 3.82 6.55 12.25
CA VAL A 129 4.04 5.12 12.10
C VAL A 129 4.96 4.78 10.92
N TYR A 130 5.32 5.78 10.11
CA TYR A 130 6.22 5.55 8.97
C TYR A 130 7.62 6.12 9.18
N ASN A 131 7.87 6.65 10.38
CA ASN A 131 9.17 7.21 10.70
C ASN A 131 10.24 6.12 10.56
N GLY A 132 11.12 6.25 9.57
CA GLY A 132 12.12 5.23 9.36
C GLY A 132 13.43 5.33 10.13
N LYS A 133 13.48 6.15 11.18
CA LYS A 133 14.73 6.29 11.93
C LYS A 133 15.08 5.04 12.73
N TYR A 134 14.07 4.31 13.19
CA TYR A 134 14.30 3.09 13.96
C TYR A 134 14.84 1.97 13.07
N LEU A 135 14.26 1.84 11.88
CA LEU A 135 14.67 0.80 10.96
C LEU A 135 16.04 1.13 10.37
N ALA A 136 16.27 2.40 10.07
CA ALA A 136 17.54 2.81 9.50
C ALA A 136 18.65 2.61 10.53
N TYR A 137 18.36 3.02 11.76
CA TYR A 137 19.32 2.90 12.85
C TYR A 137 19.59 1.46 13.26
N THR A 138 18.53 0.72 13.53
CA THR A 138 18.64 -0.67 13.97
C THR A 138 19.23 -1.62 12.94
N GLU A 139 18.86 -1.45 11.68
CA GLU A 139 19.34 -2.36 10.64
C GLU A 139 20.44 -1.80 9.75
N GLU A 140 20.85 -0.57 9.99
N GLU A 140 20.83 -0.56 10.00
CA GLU A 140 21.91 0.05 9.21
CA GLU A 140 21.88 0.08 9.24
C GLU A 140 21.58 0.03 7.72
C GLU A 140 21.59 0.05 7.73
N VAL A 141 20.45 0.61 7.36
CA VAL A 141 20.02 0.67 5.97
C VAL A 141 19.64 2.11 5.70
N VAL A 142 19.66 2.52 4.44
CA VAL A 142 19.25 3.87 4.08
C VAL A 142 17.77 3.74 3.78
N LEU A 143 16.94 4.31 4.65
CA LEU A 143 15.49 4.24 4.51
C LEU A 143 14.94 5.45 3.78
N VAL A 144 14.22 5.19 2.69
CA VAL A 144 13.62 6.26 1.90
C VAL A 144 12.11 6.07 1.81
N SER A 145 11.37 7.16 1.95
CA SER A 145 9.92 7.10 1.82
C SER A 145 9.50 8.14 0.78
N LEU A 146 8.89 7.68 -0.30
CA LEU A 146 8.45 8.58 -1.34
C LEU A 146 7.01 9.04 -1.14
N SER A 147 6.50 9.81 -2.08
CA SER A 147 5.13 10.27 -2.01
C SER A 147 4.60 10.27 -3.43
N TYR A 148 3.28 10.25 -3.58
CA TYR A 148 2.67 10.27 -4.90
C TYR A 148 1.25 10.79 -4.81
N ARG A 149 0.79 11.39 -5.90
CA ARG A 149 -0.56 11.93 -5.96
C ARG A 149 -1.60 10.82 -5.83
N VAL A 150 -2.62 11.09 -5.02
CA VAL A 150 -3.69 10.15 -4.81
C VAL A 150 -5.00 10.79 -5.27
N GLY A 151 -6.10 10.05 -5.20
CA GLY A 151 -7.37 10.60 -5.62
C GLY A 151 -7.37 10.93 -7.09
N ALA A 152 -8.29 11.80 -7.51
CA ALA A 152 -8.39 12.19 -8.91
C ALA A 152 -7.06 12.78 -9.38
N PHE A 153 -6.45 13.56 -8.49
CA PHE A 153 -5.17 14.21 -8.74
C PHE A 153 -4.12 13.27 -9.30
N GLY A 154 -4.11 12.02 -8.83
CA GLY A 154 -3.11 11.09 -9.31
C GLY A 154 -3.62 9.97 -10.20
N PHE A 155 -4.93 9.81 -10.29
CA PHE A 155 -5.48 8.72 -11.09
C PHE A 155 -6.66 8.97 -11.99
N LEU A 156 -7.07 10.23 -12.14
CA LEU A 156 -8.17 10.53 -13.04
C LEU A 156 -7.71 9.97 -14.38
N ALA A 157 -8.54 9.19 -15.06
CA ALA A 157 -8.10 8.60 -16.32
C ALA A 157 -9.01 8.76 -17.52
N LEU A 158 -8.51 9.49 -18.52
CA LEU A 158 -9.23 9.70 -19.77
C LEU A 158 -8.30 9.19 -20.87
N HIS A 159 -8.13 7.88 -20.91
CA HIS A 159 -7.26 7.24 -21.89
C HIS A 159 -7.44 7.81 -23.28
N GLY A 160 -6.33 8.16 -23.91
CA GLY A 160 -6.36 8.74 -25.24
C GLY A 160 -5.86 10.15 -25.13
N SER A 161 -6.23 10.80 -24.03
CA SER A 161 -5.82 12.17 -23.76
C SER A 161 -4.41 12.14 -23.20
N GLN A 162 -3.69 13.25 -23.36
CA GLN A 162 -2.34 13.32 -22.83
C GLN A 162 -2.30 14.30 -21.67
N GLU A 163 -3.42 14.95 -21.41
CA GLU A 163 -3.51 15.90 -20.31
C GLU A 163 -3.95 15.21 -19.03
N ALA A 164 -4.58 14.04 -19.20
CA ALA A 164 -5.05 13.22 -18.07
C ALA A 164 -5.11 11.75 -18.52
N PRO A 165 -3.95 11.16 -18.82
CA PRO A 165 -3.81 9.77 -19.27
C PRO A 165 -4.09 8.72 -18.19
N GLY A 166 -4.01 9.13 -16.93
CA GLY A 166 -4.21 8.18 -15.85
C GLY A 166 -2.87 7.62 -15.42
N ASN A 167 -2.85 6.95 -14.26
CA ASN A 167 -1.63 6.35 -13.73
C ASN A 167 -0.52 7.33 -13.39
N VAL A 168 -0.80 8.63 -13.45
CA VAL A 168 0.25 9.60 -13.16
C VAL A 168 0.79 9.44 -11.73
N GLY A 169 -0.06 8.95 -10.84
CA GLY A 169 0.37 8.72 -9.47
C GLY A 169 1.43 7.62 -9.44
N LEU A 170 1.30 6.65 -10.33
CA LEU A 170 2.25 5.55 -10.41
C LEU A 170 3.55 6.11 -10.97
N LEU A 171 3.43 7.03 -11.91
CA LEU A 171 4.60 7.63 -12.51
C LEU A 171 5.34 8.50 -11.48
N ASP A 172 4.63 9.07 -10.52
CA ASP A 172 5.27 9.87 -9.48
C ASP A 172 6.19 8.95 -8.69
N GLN A 173 5.69 7.77 -8.39
CA GLN A 173 6.44 6.78 -7.65
C GLN A 173 7.70 6.43 -8.42
N ARG A 174 7.53 6.19 -9.72
CA ARG A 174 8.65 5.83 -10.59
C ARG A 174 9.69 6.94 -10.64
N MET A 175 9.22 8.18 -10.72
N MET A 175 9.23 8.19 -10.72
CA MET A 175 10.11 9.35 -10.77
CA MET A 175 10.16 9.32 -10.78
C MET A 175 10.98 9.37 -9.51
C MET A 175 11.00 9.36 -9.50
N ALA A 176 10.38 8.99 -8.39
CA ALA A 176 11.09 8.97 -7.11
C ALA A 176 12.11 7.84 -7.15
N LEU A 177 11.70 6.67 -7.63
CA LEU A 177 12.60 5.53 -7.74
C LEU A 177 13.77 5.89 -8.64
N GLN A 178 13.48 6.67 -9.68
CA GLN A 178 14.50 7.10 -10.63
C GLN A 178 15.50 7.99 -9.89
N TRP A 179 14.99 8.93 -9.07
CA TRP A 179 15.84 9.83 -8.31
C TRP A 179 16.74 9.06 -7.36
N VAL A 180 16.18 8.07 -6.67
CA VAL A 180 16.93 7.24 -5.73
C VAL A 180 18.03 6.50 -6.49
N HIS A 181 17.68 6.02 -7.68
CA HIS A 181 18.64 5.29 -8.52
C HIS A 181 19.82 6.18 -8.90
N ASP A 182 19.51 7.43 -9.22
CA ASP A 182 20.54 8.38 -9.64
C ASP A 182 21.31 9.08 -8.53
N ASN A 183 20.68 9.27 -7.37
CA ASN A 183 21.32 10.00 -6.30
C ASN A 183 21.57 9.30 -4.97
N ILE A 184 20.90 8.19 -4.70
CA ILE A 184 21.07 7.53 -3.40
C ILE A 184 22.53 7.27 -3.00
N GLN A 185 23.39 7.06 -4.00
CA GLN A 185 24.81 6.79 -3.75
C GLN A 185 25.46 7.91 -2.92
N PHE A 186 25.05 9.15 -3.16
CA PHE A 186 25.62 10.28 -2.45
C PHE A 186 25.25 10.30 -0.97
N PHE A 187 24.29 9.46 -0.58
CA PHE A 187 23.87 9.40 0.81
C PHE A 187 24.39 8.12 1.44
N GLY A 188 25.24 7.42 0.71
CA GLY A 188 25.82 6.20 1.23
C GLY A 188 25.04 4.95 0.84
N GLY A 189 24.00 5.14 0.02
CA GLY A 189 23.20 4.01 -0.40
C GLY A 189 23.73 3.35 -1.66
N ASP A 190 23.42 2.07 -1.81
CA ASP A 190 23.83 1.31 -2.99
C ASP A 190 22.64 1.24 -3.96
N PRO A 191 22.73 1.97 -5.09
CA PRO A 191 21.65 1.99 -6.09
C PRO A 191 21.34 0.62 -6.65
N LYS A 192 22.27 -0.31 -6.46
CA LYS A 192 22.11 -1.66 -6.98
C LYS A 192 21.50 -2.63 -5.99
N THR A 193 21.12 -2.12 -4.83
CA THR A 193 20.52 -2.96 -3.81
C THR A 193 19.38 -2.19 -3.15
N VAL A 194 18.42 -1.79 -3.98
CA VAL A 194 17.25 -1.06 -3.54
C VAL A 194 16.03 -1.97 -3.49
N THR A 195 15.40 -2.03 -2.31
CA THR A 195 14.21 -2.85 -2.15
C THR A 195 13.03 -1.91 -1.93
N ILE A 196 12.00 -2.03 -2.77
CA ILE A 196 10.81 -1.21 -2.57
C ILE A 196 9.83 -2.05 -1.77
N PHE A 197 9.12 -1.42 -0.84
CA PHE A 197 8.13 -2.12 -0.04
C PHE A 197 7.02 -1.16 0.34
N GLY A 198 5.80 -1.69 0.43
CA GLY A 198 4.65 -0.88 0.76
C GLY A 198 3.51 -1.76 1.27
N GLU A 199 2.48 -1.13 1.83
CA GLU A 199 1.35 -1.89 2.36
C GLU A 199 0.03 -1.50 1.69
N SER A 200 -0.86 -2.47 1.52
CA SER A 200 -2.16 -2.22 0.89
C SER A 200 -1.95 -1.68 -0.54
N ALA A 201 -2.42 -0.46 -0.82
CA ALA A 201 -2.24 0.13 -2.15
C ALA A 201 -0.76 0.31 -2.42
N GLY A 202 0.03 0.40 -1.36
CA GLY A 202 1.47 0.55 -1.50
C GLY A 202 2.00 -0.83 -1.87
N GLY A 203 1.33 -1.87 -1.40
CA GLY A 203 1.74 -3.21 -1.73
C GLY A 203 1.36 -3.50 -3.17
N ALA A 204 0.18 -3.01 -3.57
CA ALA A 204 -0.27 -3.20 -4.94
C ALA A 204 0.68 -2.43 -5.85
N SER A 205 1.07 -1.23 -5.42
CA SER A 205 1.99 -0.39 -6.18
C SER A 205 3.28 -1.16 -6.45
N VAL A 206 3.86 -1.73 -5.39
CA VAL A 206 5.10 -2.50 -5.52
C VAL A 206 4.97 -3.55 -6.62
N GLY A 207 3.86 -4.29 -6.59
CA GLY A 207 3.64 -5.32 -7.58
C GLY A 207 3.48 -4.73 -8.98
N MET A 208 2.88 -3.56 -9.06
CA MET A 208 2.69 -2.92 -10.35
C MET A 208 4.03 -2.48 -10.98
N HIS A 209 5.01 -2.16 -10.14
CA HIS A 209 6.32 -1.77 -10.65
C HIS A 209 7.08 -3.00 -11.07
N ILE A 210 6.73 -4.15 -10.49
CA ILE A 210 7.36 -5.41 -10.86
C ILE A 210 6.84 -5.79 -12.24
N LEU A 211 5.59 -5.44 -12.51
CA LEU A 211 4.95 -5.73 -13.79
C LEU A 211 5.30 -4.75 -14.90
N SER A 212 5.29 -3.47 -14.59
CA SER A 212 5.56 -2.44 -15.59
C SER A 212 7.00 -2.43 -16.12
N PRO A 213 7.17 -2.66 -17.43
CA PRO A 213 8.51 -2.69 -18.05
C PRO A 213 9.32 -1.43 -17.72
N GLY A 214 8.65 -0.29 -17.65
CA GLY A 214 9.34 0.96 -17.36
C GLY A 214 9.75 1.19 -15.92
N SER A 215 9.48 0.24 -15.02
CA SER A 215 9.86 0.41 -13.63
C SER A 215 10.84 -0.65 -13.15
N ARG A 216 10.80 -1.82 -13.79
CA ARG A 216 11.64 -2.95 -13.42
C ARG A 216 13.12 -2.69 -13.15
N ASP A 217 13.74 -1.86 -13.97
CA ASP A 217 15.16 -1.61 -13.82
C ASP A 217 15.51 -0.63 -12.70
N LEU A 218 14.50 -0.03 -12.06
CA LEU A 218 14.77 0.93 -11.00
C LEU A 218 14.88 0.36 -9.58
N PHE A 219 14.81 -0.96 -9.43
CA PHE A 219 14.94 -1.55 -8.10
C PHE A 219 15.45 -2.98 -8.18
N ARG A 220 15.87 -3.52 -7.04
CA ARG A 220 16.41 -4.87 -6.99
C ARG A 220 15.43 -5.93 -6.47
N ARG A 221 14.78 -5.66 -5.34
CA ARG A 221 13.85 -6.60 -4.72
C ARG A 221 12.55 -5.93 -4.33
N ALA A 222 11.58 -6.74 -3.89
CA ALA A 222 10.28 -6.21 -3.50
C ALA A 222 9.61 -6.91 -2.33
N ILE A 223 8.92 -6.11 -1.52
CA ILE A 223 8.19 -6.61 -0.37
C ILE A 223 6.77 -6.05 -0.47
N LEU A 224 5.79 -6.95 -0.47
CA LEU A 224 4.40 -6.54 -0.58
C LEU A 224 3.63 -6.94 0.68
N GLN A 225 3.13 -5.95 1.39
CA GLN A 225 2.37 -6.17 2.62
C GLN A 225 0.87 -5.96 2.41
N SER A 226 0.09 -7.04 2.52
CA SER A 226 -1.37 -7.00 2.38
C SER A 226 -1.84 -6.26 1.14
N GLY A 227 -1.19 -6.50 0.01
CA GLY A 227 -1.57 -5.82 -1.21
C GLY A 227 -0.93 -6.54 -2.36
N SER A 228 -1.60 -6.55 -3.50
N SER A 228 -1.62 -6.53 -3.49
CA SER A 228 -1.05 -7.21 -4.67
CA SER A 228 -1.16 -7.24 -4.67
C SER A 228 -1.61 -6.47 -5.88
C SER A 228 -1.66 -6.49 -5.92
N PRO A 229 -0.86 -6.46 -7.00
CA PRO A 229 -1.31 -5.76 -8.21
C PRO A 229 -2.66 -6.17 -8.79
N ASN A 230 -3.05 -7.41 -8.57
CA ASN A 230 -4.30 -7.95 -9.08
C ASN A 230 -5.50 -7.80 -8.14
N CYS A 231 -5.35 -7.02 -7.08
CA CYS A 231 -6.47 -6.83 -6.16
C CYS A 231 -7.65 -6.19 -6.90
N PRO A 232 -8.86 -6.73 -6.69
CA PRO A 232 -10.08 -6.23 -7.33
C PRO A 232 -10.33 -4.73 -7.23
N TRP A 233 -9.71 -4.09 -6.24
CA TRP A 233 -9.87 -2.66 -6.02
C TRP A 233 -8.68 -1.84 -6.54
N ALA A 234 -7.58 -2.52 -6.85
CA ALA A 234 -6.37 -1.85 -7.30
C ALA A 234 -6.35 -1.26 -8.72
N SER A 235 -7.30 -1.63 -9.56
CA SER A 235 -7.30 -1.11 -10.93
C SER A 235 -8.67 -1.18 -11.59
N VAL A 236 -8.83 -0.43 -12.68
CA VAL A 236 -10.06 -0.41 -13.45
C VAL A 236 -9.72 -0.34 -14.94
N SER A 237 -10.69 -0.68 -15.78
CA SER A 237 -10.46 -0.66 -17.21
C SER A 237 -10.43 0.79 -17.73
N VAL A 238 -10.01 0.93 -18.97
CA VAL A 238 -9.93 2.23 -19.61
C VAL A 238 -11.34 2.84 -19.67
N ALA A 239 -12.32 2.00 -19.98
CA ALA A 239 -13.71 2.43 -20.07
C ALA A 239 -14.25 2.90 -18.71
N GLU A 240 -14.03 2.09 -17.67
CA GLU A 240 -14.50 2.43 -16.33
C GLU A 240 -13.83 3.71 -15.80
N GLY A 241 -12.54 3.85 -16.08
CA GLY A 241 -11.84 5.04 -15.64
C GLY A 241 -12.45 6.28 -16.26
N ARG A 242 -12.71 6.20 -17.56
CA ARG A 242 -13.31 7.30 -18.31
C ARG A 242 -14.69 7.65 -17.76
N ARG A 243 -15.52 6.63 -17.57
CA ARG A 243 -16.87 6.82 -17.04
C ARG A 243 -16.83 7.59 -15.72
N ARG A 244 -15.87 7.24 -14.84
CA ARG A 244 -15.75 7.91 -13.55
C ARG A 244 -15.27 9.35 -13.67
N ALA A 245 -14.41 9.60 -14.64
CA ALA A 245 -13.89 10.95 -14.85
C ALA A 245 -15.03 11.84 -15.34
N VAL A 246 -15.82 11.32 -16.26
CA VAL A 246 -16.97 12.05 -16.80
C VAL A 246 -17.96 12.30 -15.66
N GLU A 247 -18.22 11.26 -14.86
CA GLU A 247 -19.15 11.38 -13.74
C GLU A 247 -18.64 12.41 -12.72
N LEU A 248 -17.33 12.50 -12.57
CA LEU A 248 -16.75 13.46 -11.64
C LEU A 248 -17.01 14.85 -12.20
N GLY A 249 -16.92 14.97 -13.52
CA GLY A 249 -17.16 16.25 -14.16
C GLY A 249 -18.62 16.61 -14.04
N ARG A 250 -19.47 15.61 -14.17
CA ARG A 250 -20.90 15.80 -14.07
C ARG A 250 -21.25 16.30 -12.67
N ASN A 251 -20.50 15.86 -11.66
CA ASN A 251 -20.73 16.28 -10.28
C ASN A 251 -20.31 17.72 -10.02
N LEU A 252 -19.44 18.25 -10.86
CA LEU A 252 -18.96 19.62 -10.71
C LEU A 252 -19.50 20.58 -11.76
N ASN A 253 -20.58 20.17 -12.43
CA ASN A 253 -21.23 21.00 -13.45
C ASN A 253 -20.24 21.39 -14.55
N CYS A 254 -19.54 20.40 -15.08
CA CYS A 254 -18.55 20.64 -16.13
C CYS A 254 -19.11 20.41 -17.53
N ASN A 255 -18.50 21.06 -18.51
CA ASN A 255 -18.89 20.88 -19.90
C ASN A 255 -18.32 19.51 -20.23
N LEU A 256 -19.15 18.62 -20.77
CA LEU A 256 -18.67 17.27 -21.09
C LEU A 256 -18.65 16.98 -22.59
N ASN A 257 -18.47 18.03 -23.39
CA ASN A 257 -18.42 17.86 -24.85
C ASN A 257 -17.15 17.21 -25.36
N SER A 258 -16.08 17.27 -24.56
CA SER A 258 -14.81 16.67 -24.95
C SER A 258 -13.86 16.58 -23.78
N ASP A 259 -12.87 15.70 -23.92
CA ASP A 259 -11.87 15.53 -22.87
C ASP A 259 -11.22 16.87 -22.61
N GLU A 260 -10.93 17.61 -23.69
N GLU A 260 -10.97 17.61 -23.69
CA GLU A 260 -10.31 18.93 -23.56
CA GLU A 260 -10.36 18.93 -23.61
C GLU A 260 -11.12 19.84 -22.66
C GLU A 260 -11.19 19.85 -22.72
N GLU A 261 -12.42 19.92 -22.93
N GLU A 261 -12.50 19.89 -22.97
CA GLU A 261 -13.31 20.77 -22.15
CA GLU A 261 -13.42 20.72 -22.20
C GLU A 261 -13.44 20.25 -20.72
C GLU A 261 -13.50 20.25 -20.76
N LEU A 262 -13.61 18.93 -20.58
CA LEU A 262 -13.73 18.32 -19.27
C LEU A 262 -12.50 18.59 -18.41
N ILE A 263 -11.33 18.29 -18.96
CA ILE A 263 -10.09 18.49 -18.23
C ILE A 263 -9.87 19.93 -17.81
N HIS A 264 -10.19 20.87 -18.71
CA HIS A 264 -10.00 22.28 -18.40
C HIS A 264 -10.83 22.70 -17.19
N CYS A 265 -12.05 22.18 -17.14
CA CYS A 265 -12.98 22.48 -16.06
C CYS A 265 -12.46 21.93 -14.72
N LEU A 266 -12.07 20.66 -14.72
CA LEU A 266 -11.57 20.02 -13.51
C LEU A 266 -10.34 20.75 -13.00
N ARG A 267 -9.57 21.32 -13.92
CA ARG A 267 -8.36 22.05 -13.55
C ARG A 267 -8.64 23.40 -12.93
N GLU A 268 -9.82 23.96 -13.20
CA GLU A 268 -10.16 25.26 -12.64
C GLU A 268 -10.77 25.11 -11.25
N LYS A 269 -11.16 23.88 -10.90
CA LYS A 269 -11.75 23.62 -9.61
C LYS A 269 -10.68 23.53 -8.53
N LYS A 270 -11.02 23.97 -7.33
CA LYS A 270 -10.08 23.93 -6.22
C LYS A 270 -9.95 22.48 -5.75
N PRO A 271 -8.83 22.14 -5.12
CA PRO A 271 -8.63 20.77 -4.64
C PRO A 271 -9.81 20.16 -3.90
N GLN A 272 -10.20 20.78 -2.79
CA GLN A 272 -11.31 20.28 -1.98
C GLN A 272 -12.60 20.08 -2.74
N GLU A 273 -12.77 20.79 -3.85
CA GLU A 273 -13.98 20.66 -4.65
C GLU A 273 -14.05 19.28 -5.28
N LEU A 274 -12.93 18.81 -5.80
CA LEU A 274 -12.89 17.49 -6.40
C LEU A 274 -13.04 16.43 -5.32
N ILE A 275 -12.45 16.69 -4.16
CA ILE A 275 -12.49 15.75 -3.05
C ILE A 275 -13.88 15.61 -2.44
N ASP A 276 -14.68 16.68 -2.43
CA ASP A 276 -16.02 16.59 -1.85
C ASP A 276 -16.97 15.66 -2.57
N VAL A 277 -16.79 15.49 -3.88
CA VAL A 277 -17.67 14.64 -4.66
C VAL A 277 -17.00 13.37 -5.16
N GLU A 278 -15.76 13.16 -4.74
CA GLU A 278 -14.99 11.99 -5.17
C GLU A 278 -15.71 10.64 -5.05
N TRP A 279 -16.35 10.40 -3.90
CA TRP A 279 -17.02 9.14 -3.69
C TRP A 279 -18.34 8.96 -4.43
N ASN A 280 -18.78 9.98 -5.15
CA ASN A 280 -20.03 9.88 -5.88
C ASN A 280 -19.90 9.18 -7.22
N VAL A 281 -18.68 8.80 -7.60
CA VAL A 281 -18.49 8.16 -8.90
C VAL A 281 -18.46 6.62 -8.91
N LEU A 282 -18.44 6.00 -7.74
CA LEU A 282 -18.43 4.55 -7.67
C LEU A 282 -19.64 3.98 -8.40
N PRO A 283 -19.43 2.89 -9.16
CA PRO A 283 -20.51 2.25 -9.92
C PRO A 283 -21.51 1.47 -9.07
N PHE A 284 -21.08 0.97 -7.93
CA PHE A 284 -21.96 0.20 -7.06
C PHE A 284 -21.88 0.60 -5.60
N ASP A 285 -22.85 0.13 -4.85
CA ASP A 285 -22.90 0.35 -3.42
C ASP A 285 -21.92 -0.75 -2.99
N SER A 286 -20.79 -0.36 -2.39
CA SER A 286 -19.80 -1.34 -2.03
C SER A 286 -18.79 -0.86 -1.00
N ILE A 287 -18.04 -1.80 -0.45
CA ILE A 287 -17.01 -1.46 0.51
C ILE A 287 -15.72 -1.95 -0.14
N PHE A 288 -14.60 -1.41 0.30
CA PHE A 288 -13.30 -1.78 -0.26
C PHE A 288 -13.24 -1.51 -1.77
N ARG A 289 -13.78 -0.35 -2.18
CA ARG A 289 -13.75 0.08 -3.56
C ARG A 289 -13.43 1.57 -3.55
N PHE A 290 -12.48 1.97 -4.38
CA PHE A 290 -12.05 3.35 -4.42
C PHE A 290 -12.21 3.92 -5.82
N SER A 291 -12.60 5.20 -5.86
CA SER A 291 -12.86 5.91 -7.11
C SER A 291 -11.78 6.01 -8.17
N PHE A 292 -10.64 6.57 -7.81
CA PHE A 292 -9.55 6.75 -8.76
C PHE A 292 -8.32 5.90 -8.44
N VAL A 293 -8.14 4.89 -9.28
CA VAL A 293 -7.06 3.94 -9.10
C VAL A 293 -6.37 3.68 -10.44
N PRO A 294 -5.23 2.96 -10.43
CA PRO A 294 -4.50 2.64 -11.67
C PRO A 294 -5.43 2.09 -12.74
N VAL A 295 -5.09 2.39 -13.99
CA VAL A 295 -5.87 1.95 -15.14
C VAL A 295 -5.05 1.06 -16.06
N ILE A 296 -5.67 -0.01 -16.57
CA ILE A 296 -4.99 -0.93 -17.50
C ILE A 296 -5.03 -0.21 -18.84
N ASP A 297 -4.00 0.59 -19.08
CA ASP A 297 -3.88 1.45 -20.26
C ASP A 297 -3.14 0.93 -21.50
N GLY A 298 -2.41 -0.17 -21.37
CA GLY A 298 -1.68 -0.66 -22.52
C GLY A 298 -0.32 0.01 -22.63
N GLU A 299 0.01 0.86 -21.67
CA GLU A 299 1.30 1.55 -21.64
C GLU A 299 2.03 1.14 -20.37
N PHE A 300 1.70 1.77 -19.24
CA PHE A 300 2.34 1.41 -17.98
C PHE A 300 2.16 -0.10 -17.84
N PHE A 301 0.98 -0.59 -18.21
CA PHE A 301 0.67 -2.02 -18.18
C PHE A 301 0.44 -2.41 -19.64
N PRO A 302 1.38 -3.18 -20.22
CA PRO A 302 1.30 -3.62 -21.63
C PRO A 302 -0.01 -4.32 -21.98
N THR A 303 -0.38 -5.32 -21.18
CA THR A 303 -1.62 -6.06 -21.41
C THR A 303 -2.33 -6.28 -20.09
N SER A 304 -3.33 -7.16 -20.07
CA SER A 304 -4.05 -7.42 -18.83
C SER A 304 -3.07 -7.99 -17.80
N LEU A 305 -3.26 -7.61 -16.54
CA LEU A 305 -2.38 -8.09 -15.48
C LEU A 305 -2.31 -9.61 -15.45
N GLU A 306 -3.45 -10.26 -15.69
CA GLU A 306 -3.51 -11.72 -15.67
C GLU A 306 -2.72 -12.35 -16.80
N SER A 307 -2.74 -11.73 -17.98
CA SER A 307 -1.99 -12.32 -19.09
C SER A 307 -0.49 -12.11 -18.88
N MET A 308 -0.13 -11.01 -18.22
CA MET A 308 1.26 -10.73 -17.93
C MET A 308 1.78 -11.74 -16.90
N LEU A 309 0.99 -12.02 -15.87
CA LEU A 309 1.40 -12.98 -14.85
C LEU A 309 1.54 -14.39 -15.41
N ASN A 310 0.61 -14.75 -16.29
CA ASN A 310 0.61 -16.06 -16.93
C ASN A 310 1.83 -16.25 -17.81
N SER A 311 2.14 -15.22 -18.60
CA SER A 311 3.27 -15.28 -19.52
C SER A 311 4.62 -14.99 -18.88
N GLY A 312 4.62 -14.54 -17.63
CA GLY A 312 5.88 -14.24 -16.99
C GLY A 312 6.43 -12.89 -17.44
N ASN A 313 5.54 -12.05 -17.94
CA ASN A 313 5.94 -10.72 -18.40
C ASN A 313 6.04 -9.81 -17.18
N PHE A 314 7.14 -9.99 -16.43
CA PHE A 314 7.38 -9.18 -15.24
C PHE A 314 8.80 -9.36 -14.75
N LYS A 315 9.25 -8.44 -13.89
CA LYS A 315 10.61 -8.51 -13.36
C LYS A 315 10.77 -9.78 -12.53
N LYS A 316 11.82 -10.53 -12.83
CA LYS A 316 12.07 -11.77 -12.12
C LYS A 316 13.19 -11.57 -11.11
N THR A 317 12.82 -11.58 -9.83
CA THR A 317 13.75 -11.38 -8.72
C THR A 317 13.19 -12.09 -7.50
N GLN A 318 13.61 -11.70 -6.30
CA GLN A 318 13.10 -12.31 -5.08
C GLN A 318 12.06 -11.39 -4.46
N ILE A 319 11.08 -11.97 -3.79
CA ILE A 319 10.06 -11.16 -3.13
C ILE A 319 9.68 -11.76 -1.78
N LEU A 320 9.25 -10.88 -0.88
CA LEU A 320 8.81 -11.26 0.44
C LEU A 320 7.47 -10.55 0.60
N LEU A 321 6.44 -11.30 1.00
CA LEU A 321 5.11 -10.74 1.13
C LEU A 321 4.25 -11.54 2.09
N GLY A 322 3.13 -10.96 2.49
CA GLY A 322 2.24 -11.64 3.40
C GLY A 322 0.97 -10.86 3.66
N VAL A 323 0.15 -11.39 4.56
CA VAL A 323 -1.12 -10.78 4.91
C VAL A 323 -1.32 -10.83 6.42
N ASN A 324 -2.36 -10.14 6.89
CA ASN A 324 -2.71 -10.12 8.31
C ASN A 324 -3.95 -11.01 8.48
N LYS A 325 -4.20 -11.46 9.70
CA LYS A 325 -5.32 -12.34 9.96
C LYS A 325 -6.70 -11.76 9.64
N ASP A 326 -6.95 -10.52 10.07
CA ASP A 326 -8.25 -9.89 9.87
C ASP A 326 -8.21 -8.68 8.94
N GLU A 327 -7.93 -8.95 7.67
CA GLU A 327 -7.83 -7.93 6.63
C GLU A 327 -9.13 -7.17 6.32
N GLY A 328 -10.28 -7.79 6.54
CA GLY A 328 -11.52 -7.11 6.21
C GLY A 328 -12.25 -6.31 7.27
N SER A 329 -11.86 -6.46 8.53
CA SER A 329 -12.55 -5.75 9.61
C SER A 329 -12.60 -4.22 9.47
N PHE A 330 -11.53 -3.63 8.98
CA PHE A 330 -11.47 -2.19 8.84
C PHE A 330 -12.58 -1.57 8.00
N PHE A 331 -12.77 -2.09 6.79
CA PHE A 331 -13.78 -1.56 5.88
C PHE A 331 -15.22 -1.90 6.22
N LEU A 332 -15.43 -2.95 7.00
CA LEU A 332 -16.78 -3.31 7.38
C LEU A 332 -17.24 -2.28 8.41
N LEU A 333 -16.33 -1.88 9.29
CA LEU A 333 -16.64 -0.89 10.29
C LEU A 333 -17.07 0.42 9.67
N TYR A 334 -16.42 0.80 8.57
CA TYR A 334 -16.76 2.05 7.94
C TYR A 334 -18.00 2.04 7.04
N GLY A 335 -18.38 0.89 6.51
CA GLY A 335 -19.54 0.89 5.63
C GLY A 335 -20.63 -0.16 5.80
N ALA A 336 -20.31 -1.32 6.35
CA ALA A 336 -21.32 -2.36 6.52
C ALA A 336 -22.28 -2.09 7.67
N PRO A 337 -23.58 -2.30 7.44
CA PRO A 337 -24.58 -2.08 8.47
C PRO A 337 -24.45 -3.08 9.63
N GLY A 338 -24.60 -2.58 10.86
CA GLY A 338 -24.51 -3.44 12.01
C GLY A 338 -23.17 -3.41 12.73
N PHE A 339 -22.15 -2.86 12.08
CA PHE A 339 -20.83 -2.77 12.67
C PHE A 339 -20.66 -1.42 13.34
N SER A 340 -20.04 -1.42 14.50
CA SER A 340 -19.82 -0.18 15.24
C SER A 340 -18.48 -0.27 15.94
N LYS A 341 -17.88 0.89 16.18
CA LYS A 341 -16.58 0.94 16.83
C LYS A 341 -16.66 0.59 18.31
N ASP A 342 -17.74 1.01 18.97
CA ASP A 342 -17.87 0.76 20.41
C ASP A 342 -18.74 -0.42 20.84
N SER A 343 -19.19 -1.25 19.90
CA SER A 343 -19.98 -2.42 20.26
C SER A 343 -19.24 -3.66 19.81
N GLU A 344 -19.76 -4.84 20.12
CA GLU A 344 -19.11 -6.09 19.70
C GLU A 344 -19.48 -6.40 18.25
N SER A 345 -20.37 -5.61 17.68
CA SER A 345 -20.80 -5.77 16.31
C SER A 345 -21.25 -7.19 15.94
N LYS A 346 -22.13 -7.78 16.75
CA LYS A 346 -22.65 -9.10 16.44
C LYS A 346 -23.64 -8.89 15.30
N ILE A 347 -23.44 -9.61 14.20
CA ILE A 347 -24.26 -9.43 13.01
C ILE A 347 -25.44 -10.38 12.81
N SER A 348 -26.61 -9.79 12.64
CA SER A 348 -27.83 -10.55 12.39
C SER A 348 -27.70 -11.15 10.99
N ARG A 349 -28.55 -12.13 10.69
CA ARG A 349 -28.51 -12.74 9.38
C ARG A 349 -28.86 -11.71 8.29
N GLU A 350 -29.78 -10.80 8.61
N GLU A 350 -29.78 -10.80 8.61
CA GLU A 350 -30.19 -9.76 7.67
CA GLU A 350 -30.17 -9.77 7.65
C GLU A 350 -28.98 -8.90 7.29
C GLU A 350 -28.96 -8.92 7.29
N ASP A 351 -28.25 -8.44 8.30
CA ASP A 351 -27.07 -7.62 8.07
C ASP A 351 -25.96 -8.41 7.40
N PHE A 352 -25.94 -9.72 7.62
CA PHE A 352 -24.93 -10.55 6.98
C PHE A 352 -25.14 -10.50 5.48
N MET A 353 -26.40 -10.68 5.10
CA MET A 353 -26.79 -10.68 3.69
C MET A 353 -26.51 -9.33 3.05
N SER A 354 -26.80 -8.26 3.78
CA SER A 354 -26.56 -6.91 3.28
C SER A 354 -25.07 -6.74 3.11
N GLY A 355 -24.31 -7.26 4.09
CA GLY A 355 -22.86 -7.16 4.04
C GLY A 355 -22.26 -7.94 2.90
N VAL A 356 -22.80 -9.11 2.61
CA VAL A 356 -22.26 -9.90 1.51
C VAL A 356 -22.40 -9.16 0.20
N LYS A 357 -23.55 -8.54 -0.01
CA LYS A 357 -23.80 -7.79 -1.25
C LYS A 357 -22.89 -6.58 -1.38
N LEU A 358 -22.50 -5.98 -0.27
CA LEU A 358 -21.61 -4.83 -0.30
C LEU A 358 -20.16 -5.24 -0.59
N SER A 359 -19.82 -6.48 -0.20
CA SER A 359 -18.48 -7.01 -0.36
C SER A 359 -18.17 -7.58 -1.74
N VAL A 360 -19.18 -8.09 -2.44
CA VAL A 360 -18.97 -8.64 -3.77
C VAL A 360 -19.96 -7.93 -4.67
N PRO A 361 -19.74 -6.62 -4.91
CA PRO A 361 -20.60 -5.76 -5.73
C PRO A 361 -20.87 -6.24 -7.15
N HIS A 362 -19.88 -6.86 -7.78
CA HIS A 362 -20.01 -7.36 -9.14
C HIS A 362 -20.74 -8.70 -9.24
N ALA A 363 -21.35 -9.14 -8.14
CA ALA A 363 -22.02 -10.44 -8.14
C ALA A 363 -23.53 -10.46 -8.32
N ASN A 364 -23.99 -11.42 -9.11
CA ASN A 364 -25.41 -11.62 -9.36
C ASN A 364 -25.92 -12.48 -8.19
N ASP A 365 -27.20 -12.82 -8.21
CA ASP A 365 -27.81 -13.61 -7.14
C ASP A 365 -27.15 -14.95 -6.87
N LEU A 366 -26.91 -15.71 -7.91
CA LEU A 366 -26.28 -17.01 -7.77
C LEU A 366 -24.92 -16.84 -7.10
N GLY A 367 -24.16 -15.84 -7.54
CA GLY A 367 -22.86 -15.58 -6.96
C GLY A 367 -22.98 -15.28 -5.48
N LEU A 368 -23.90 -14.39 -5.14
CA LEU A 368 -24.12 -14.02 -3.74
C LEU A 368 -24.48 -15.25 -2.92
N ASP A 369 -25.28 -16.14 -3.51
CA ASP A 369 -25.66 -17.36 -2.80
C ASP A 369 -24.43 -18.22 -2.59
N ALA A 370 -23.58 -18.28 -3.61
CA ALA A 370 -22.38 -19.09 -3.52
C ALA A 370 -21.53 -18.65 -2.34
N VAL A 371 -21.32 -17.34 -2.22
CA VAL A 371 -20.53 -16.75 -1.16
C VAL A 371 -21.17 -17.05 0.19
N THR A 372 -22.45 -16.73 0.31
CA THR A 372 -23.17 -16.97 1.55
C THR A 372 -23.03 -18.42 2.02
N LEU A 373 -23.24 -19.36 1.11
CA LEU A 373 -23.13 -20.77 1.45
C LEU A 373 -21.72 -21.13 1.92
N GLN A 374 -20.73 -20.59 1.22
CA GLN A 374 -19.34 -20.85 1.51
C GLN A 374 -18.91 -20.38 2.91
N TYR A 375 -19.56 -19.34 3.41
CA TYR A 375 -19.19 -18.79 4.72
C TYR A 375 -20.23 -18.89 5.82
N THR A 376 -21.25 -19.71 5.62
CA THR A 376 -22.28 -19.83 6.64
C THR A 376 -22.30 -21.19 7.29
N ASP A 377 -22.39 -21.21 8.61
CA ASP A 377 -22.47 -22.46 9.35
C ASP A 377 -23.97 -22.69 9.51
N TRP A 378 -24.53 -23.57 8.69
CA TRP A 378 -25.96 -23.83 8.77
C TRP A 378 -26.45 -24.59 9.99
N MET A 379 -25.55 -24.90 10.91
CA MET A 379 -25.94 -25.59 12.14
C MET A 379 -26.12 -24.54 13.22
N ASP A 380 -25.72 -23.31 12.91
CA ASP A 380 -25.79 -22.23 13.89
C ASP A 380 -25.70 -20.90 13.13
N ASP A 381 -26.57 -20.73 12.14
CA ASP A 381 -26.57 -19.52 11.30
C ASP A 381 -27.01 -18.20 11.91
N ASN A 382 -27.52 -18.24 13.14
CA ASN A 382 -27.93 -17.00 13.79
C ASN A 382 -26.88 -16.48 14.76
N ASN A 383 -25.81 -17.23 14.91
CA ASN A 383 -24.73 -16.83 15.79
C ASN A 383 -24.16 -15.50 15.26
N GLY A 384 -24.43 -14.42 16.00
CA GLY A 384 -23.97 -13.10 15.60
C GLY A 384 -22.47 -12.92 15.50
N ILE A 385 -21.71 -13.72 16.25
CA ILE A 385 -20.26 -13.63 16.22
C ILE A 385 -19.71 -14.33 14.99
N LYS A 386 -20.35 -15.44 14.63
CA LYS A 386 -19.94 -16.20 13.46
C LYS A 386 -20.25 -15.42 12.19
N ASN A 387 -21.38 -14.71 12.22
CA ASN A 387 -21.79 -13.89 11.09
C ASN A 387 -20.81 -12.74 10.94
N ARG A 388 -20.47 -12.09 12.05
CA ARG A 388 -19.54 -10.97 12.03
C ARG A 388 -18.20 -11.44 11.46
N ASP A 389 -17.61 -12.43 12.11
CA ASP A 389 -16.33 -12.96 11.67
C ASP A 389 -16.40 -13.54 10.26
N GLY A 390 -17.59 -13.99 9.87
CA GLY A 390 -17.76 -14.55 8.54
C GLY A 390 -17.59 -13.45 7.50
N LEU A 391 -18.20 -12.30 7.75
CA LEU A 391 -18.10 -11.16 6.85
C LEU A 391 -16.66 -10.66 6.82
N ASP A 392 -16.01 -10.68 7.98
CA ASP A 392 -14.62 -10.24 8.08
C ASP A 392 -13.77 -11.07 7.12
N ASP A 393 -13.97 -12.38 7.13
CA ASP A 393 -13.21 -13.28 6.27
C ASP A 393 -13.51 -13.05 4.80
N ILE A 394 -14.79 -12.84 4.47
CA ILE A 394 -15.20 -12.60 3.09
C ILE A 394 -14.49 -11.36 2.53
N VAL A 395 -14.61 -10.24 3.22
CA VAL A 395 -13.99 -9.00 2.80
C VAL A 395 -12.46 -9.17 2.71
N GLY A 396 -11.88 -9.83 3.70
CA GLY A 396 -10.43 -10.04 3.71
C GLY A 396 -9.95 -11.02 2.65
N ASP A 397 -10.64 -12.15 2.49
CA ASP A 397 -10.25 -13.14 1.51
C ASP A 397 -10.41 -12.59 0.09
N HIS A 398 -11.57 -12.01 -0.18
CA HIS A 398 -11.86 -11.48 -1.49
C HIS A 398 -10.98 -10.31 -1.92
N ASN A 399 -10.74 -9.37 -1.02
CA ASN A 399 -9.96 -8.18 -1.37
C ASN A 399 -8.46 -8.23 -1.17
N VAL A 400 -7.97 -9.08 -0.27
CA VAL A 400 -6.54 -9.11 -0.01
C VAL A 400 -5.86 -10.46 -0.12
N ILE A 401 -6.22 -11.38 0.78
CA ILE A 401 -5.60 -12.69 0.81
C ILE A 401 -5.64 -13.51 -0.48
N CYS A 402 -6.82 -13.82 -0.99
CA CYS A 402 -6.89 -14.61 -2.20
C CYS A 402 -6.23 -13.95 -3.42
N PRO A 403 -6.38 -12.62 -3.56
CA PRO A 403 -5.72 -12.00 -4.71
C PRO A 403 -4.20 -12.19 -4.54
N LEU A 404 -3.71 -11.92 -3.33
CA LEU A 404 -2.29 -12.08 -3.06
C LEU A 404 -1.81 -13.51 -3.27
N MET A 405 -2.62 -14.49 -2.90
CA MET A 405 -2.24 -15.89 -3.07
C MET A 405 -2.15 -16.26 -4.54
N HIS A 406 -3.03 -15.66 -5.36
CA HIS A 406 -3.02 -15.90 -6.80
C HIS A 406 -1.72 -15.32 -7.36
N PHE A 407 -1.38 -14.13 -6.89
CA PHE A 407 -0.17 -13.46 -7.34
C PHE A 407 1.06 -14.25 -6.96
N VAL A 408 1.14 -14.67 -5.70
CA VAL A 408 2.32 -15.39 -5.27
C VAL A 408 2.49 -16.70 -6.01
N ASN A 409 1.40 -17.42 -6.24
CA ASN A 409 1.50 -18.68 -6.95
C ASN A 409 1.91 -18.47 -8.41
N LYS A 410 1.46 -17.38 -9.01
CA LYS A 410 1.82 -17.10 -10.39
C LYS A 410 3.27 -16.61 -10.51
N TYR A 411 3.69 -15.75 -9.58
CA TYR A 411 5.04 -15.20 -9.62
C TYR A 411 6.08 -16.27 -9.37
N THR A 412 5.90 -17.01 -8.28
CA THR A 412 6.81 -18.08 -7.89
C THR A 412 7.18 -19.02 -9.05
N LYS A 413 6.35 -19.01 -10.08
CA LYS A 413 6.58 -19.84 -11.25
C LYS A 413 7.80 -19.36 -12.04
N PHE A 414 7.98 -18.05 -12.12
CA PHE A 414 9.09 -17.47 -12.86
C PHE A 414 10.13 -16.76 -11.98
N GLY A 415 9.71 -16.40 -10.77
CA GLY A 415 10.58 -15.70 -9.84
C GLY A 415 11.85 -16.41 -9.43
N ASN A 416 12.66 -15.72 -8.63
CA ASN A 416 13.94 -16.26 -8.17
C ASN A 416 13.97 -16.46 -6.66
N GLY A 417 12.80 -16.57 -6.03
CA GLY A 417 12.75 -16.75 -4.59
C GLY A 417 11.59 -16.03 -3.93
N THR A 418 10.75 -16.80 -3.25
CA THR A 418 9.57 -16.24 -2.58
C THR A 418 9.54 -16.58 -1.11
N TYR A 419 9.14 -15.61 -0.29
CA TYR A 419 9.03 -15.80 1.16
C TYR A 419 7.68 -15.25 1.62
N LEU A 420 6.79 -16.14 2.05
CA LEU A 420 5.44 -15.77 2.47
C LEU A 420 5.19 -15.81 3.97
N TYR A 421 4.49 -14.81 4.49
CA TYR A 421 4.19 -14.76 5.92
C TYR A 421 2.71 -14.51 6.19
N PHE A 422 2.30 -14.87 7.40
CA PHE A 422 0.92 -14.69 7.84
C PHE A 422 1.04 -14.05 9.21
N PHE A 423 0.85 -12.74 9.24
CA PHE A 423 0.92 -11.95 10.46
C PHE A 423 -0.37 -12.03 11.26
N ASN A 424 -0.32 -12.63 12.45
CA ASN A 424 -1.53 -12.75 13.25
C ASN A 424 -1.41 -12.37 14.72
N HIS A 425 -0.60 -11.37 15.04
CA HIS A 425 -0.47 -10.93 16.41
C HIS A 425 -1.23 -9.62 16.61
N ARG A 426 -2.09 -9.55 17.62
CA ARG A 426 -2.84 -8.33 17.89
C ARG A 426 -2.12 -7.51 18.96
N ALA A 427 -1.67 -6.31 18.58
CA ALA A 427 -0.96 -5.42 19.50
C ALA A 427 -1.68 -5.29 20.85
N SER A 428 -0.92 -5.43 21.93
CA SER A 428 -1.47 -5.33 23.28
C SER A 428 -2.04 -3.95 23.57
N ASN A 429 -1.58 -2.95 22.84
CA ASN A 429 -2.03 -1.58 23.04
C ASN A 429 -2.93 -1.06 21.93
N LEU A 430 -3.51 -1.97 21.15
CA LEU A 430 -4.38 -1.55 20.05
C LEU A 430 -5.59 -0.81 20.63
N VAL A 431 -5.91 0.34 20.04
CA VAL A 431 -7.04 1.13 20.53
C VAL A 431 -8.38 0.78 19.89
N TRP A 432 -8.35 -0.04 18.83
CA TRP A 432 -9.57 -0.44 18.14
C TRP A 432 -10.24 -1.58 18.91
N PRO A 433 -11.54 -1.78 18.69
CA PRO A 433 -12.25 -2.87 19.40
C PRO A 433 -11.66 -4.24 19.11
N GLU A 434 -11.89 -5.18 20.03
CA GLU A 434 -11.39 -6.54 19.91
C GLU A 434 -11.94 -7.31 18.73
N TRP A 435 -13.19 -7.03 18.36
CA TRP A 435 -13.80 -7.77 17.25
C TRP A 435 -13.07 -7.58 15.91
N MET A 436 -12.28 -6.52 15.81
CA MET A 436 -11.55 -6.23 14.58
C MET A 436 -10.29 -7.09 14.43
N GLY A 437 -9.86 -7.73 15.52
CA GLY A 437 -8.69 -8.60 15.50
C GLY A 437 -7.37 -7.99 15.05
N VAL A 438 -6.66 -8.70 14.17
CA VAL A 438 -5.38 -8.23 13.65
C VAL A 438 -5.75 -7.45 12.39
N ILE A 439 -5.96 -6.15 12.59
CA ILE A 439 -6.38 -5.22 11.56
C ILE A 439 -5.44 -4.91 10.41
N HIS A 440 -6.06 -4.59 9.28
CA HIS A 440 -5.37 -4.22 8.07
C HIS A 440 -4.41 -3.06 8.41
N GLY A 441 -3.14 -3.23 8.09
CA GLY A 441 -2.17 -2.18 8.35
C GLY A 441 -1.54 -2.12 9.72
N TYR A 442 -1.90 -3.04 10.63
CA TYR A 442 -1.30 -2.97 11.94
C TYR A 442 -0.08 -3.84 12.15
N GLU A 443 0.56 -4.20 11.04
CA GLU A 443 1.80 -4.96 11.08
C GLU A 443 2.88 -3.93 10.76
N ILE A 444 2.46 -2.79 10.23
CA ILE A 444 3.37 -1.71 9.85
C ILE A 444 4.21 -1.19 11.03
N GLU A 445 3.56 -0.94 12.16
CA GLU A 445 4.26 -0.43 13.34
C GLU A 445 5.37 -1.38 13.79
N PHE A 446 5.19 -2.68 13.51
CA PHE A 446 6.22 -3.63 13.87
C PHE A 446 7.31 -3.58 12.83
N VAL A 447 6.93 -3.34 11.57
CA VAL A 447 7.90 -3.25 10.49
C VAL A 447 8.78 -2.03 10.68
N PHE A 448 8.21 -0.95 11.18
CA PHE A 448 8.98 0.26 11.40
C PHE A 448 9.62 0.39 12.79
N GLY A 449 9.51 -0.66 13.60
CA GLY A 449 10.11 -0.65 14.92
C GLY A 449 9.53 0.19 16.04
N LEU A 450 8.25 0.56 15.95
CA LEU A 450 7.64 1.36 17.01
C LEU A 450 7.69 0.69 18.38
N PRO A 451 7.59 -0.65 18.44
CA PRO A 451 7.64 -1.36 19.73
C PRO A 451 8.96 -1.20 20.50
N LEU A 452 9.94 -0.52 19.91
CA LEU A 452 11.21 -0.33 20.58
C LEU A 452 11.19 0.94 21.41
N VAL A 453 10.12 1.72 21.27
CA VAL A 453 9.98 2.97 22.02
C VAL A 453 9.12 2.72 23.25
N LYS A 454 9.77 2.47 24.38
CA LYS A 454 9.09 2.19 25.65
C LYS A 454 7.84 3.02 25.94
N GLU A 455 7.87 4.30 25.60
CA GLU A 455 6.76 5.20 25.86
C GLU A 455 5.47 4.83 25.11
N LEU A 456 5.57 3.99 24.09
CA LEU A 456 4.40 3.59 23.33
C LEU A 456 3.65 2.45 24.00
N ASN A 457 4.22 1.97 25.10
CA ASN A 457 3.62 0.91 25.90
C ASN A 457 3.37 -0.43 25.23
N TYR A 458 4.39 -1.00 24.58
CA TYR A 458 4.26 -2.31 23.95
C TYR A 458 4.87 -3.27 24.96
N THR A 459 4.69 -4.56 24.78
CA THR A 459 5.27 -5.53 25.69
C THR A 459 6.65 -5.96 25.20
N ALA A 460 7.41 -6.58 26.09
CA ALA A 460 8.75 -7.04 25.76
C ALA A 460 8.73 -7.98 24.55
N GLU A 461 7.81 -8.94 24.57
CA GLU A 461 7.66 -9.91 23.50
C GLU A 461 7.41 -9.19 22.18
N GLU A 462 6.60 -8.14 22.23
CA GLU A 462 6.29 -7.38 21.04
C GLU A 462 7.50 -6.62 20.52
N GLU A 463 8.36 -6.19 21.44
CA GLU A 463 9.56 -5.48 21.03
C GLU A 463 10.45 -6.50 20.32
N ALA A 464 10.43 -7.73 20.83
CA ALA A 464 11.23 -8.80 20.26
C ALA A 464 10.75 -9.15 18.85
N LEU A 465 9.43 -9.20 18.66
CA LEU A 465 8.86 -9.52 17.36
C LEU A 465 9.24 -8.43 16.36
N SER A 466 9.11 -7.18 16.77
CA SER A 466 9.44 -6.05 15.93
C SER A 466 10.89 -6.15 15.44
N ARG A 467 11.82 -6.43 16.36
N ARG A 467 11.82 -6.43 16.35
CA ARG A 467 13.22 -6.55 15.99
CA ARG A 467 13.22 -6.54 15.97
C ARG A 467 13.42 -7.72 15.05
C ARG A 467 13.40 -7.71 15.02
N ARG A 468 12.72 -8.81 15.31
CA ARG A 468 12.83 -10.00 14.46
C ARG A 468 12.27 -9.69 13.07
N ILE A 469 11.18 -8.93 13.01
CA ILE A 469 10.59 -8.58 11.72
C ILE A 469 11.49 -7.61 10.98
N MET A 470 11.92 -6.55 11.66
CA MET A 470 12.80 -5.57 11.04
C MET A 470 14.04 -6.24 10.45
N HIS A 471 14.58 -7.22 11.17
CA HIS A 471 15.77 -7.89 10.70
C HIS A 471 15.47 -8.80 9.51
N TYR A 472 14.27 -9.39 9.48
CA TYR A 472 13.87 -10.23 8.36
C TYR A 472 13.82 -9.35 7.10
N TRP A 473 13.08 -8.25 7.20
CA TRP A 473 12.92 -7.30 6.09
C TRP A 473 14.27 -6.77 5.63
N ALA A 474 15.11 -6.34 6.56
CA ALA A 474 16.39 -5.77 6.21
C ALA A 474 17.38 -6.78 5.65
N THR A 475 17.38 -7.99 6.21
CA THR A 475 18.28 -9.03 5.72
C THR A 475 17.85 -9.47 4.33
N PHE A 476 16.55 -9.47 4.08
CA PHE A 476 16.02 -9.84 2.79
C PHE A 476 16.40 -8.79 1.75
N ALA A 477 16.17 -7.53 2.07
CA ALA A 477 16.49 -6.45 1.15
C ALA A 477 17.96 -6.52 0.73
N LYS A 478 18.81 -6.85 1.69
CA LYS A 478 20.24 -6.95 1.48
C LYS A 478 20.74 -8.19 0.77
N THR A 479 20.12 -9.33 1.05
CA THR A 479 20.55 -10.59 0.47
C THR A 479 19.57 -11.36 -0.40
N GLY A 480 18.29 -11.05 -0.30
CA GLY A 480 17.29 -11.77 -1.08
C GLY A 480 16.79 -12.97 -0.30
N ASN A 481 17.20 -13.02 0.97
CA ASN A 481 16.83 -14.10 1.88
C ASN A 481 16.67 -13.44 3.27
N PRO A 482 15.52 -13.64 3.93
CA PRO A 482 15.35 -13.02 5.25
C PRO A 482 16.18 -13.66 6.37
N ASN A 483 16.64 -14.90 6.15
CA ASN A 483 17.42 -15.62 7.16
C ASN A 483 18.91 -15.28 7.20
N GLU A 484 19.50 -15.39 8.39
CA GLU A 484 20.93 -15.15 8.57
C GLU A 484 21.63 -16.41 8.07
N PRO A 485 22.58 -16.25 7.13
CA PRO A 485 23.33 -17.36 6.54
C PRO A 485 23.49 -18.59 7.45
N HIS A 486 24.46 -18.54 8.35
CA HIS A 486 24.70 -19.64 9.27
C HIS A 486 24.16 -19.24 10.64
N SER A 487 22.83 -19.16 10.75
CA SER A 487 22.20 -18.77 12.00
C SER A 487 21.66 -19.96 12.78
N GLN A 488 21.44 -19.74 14.08
CA GLN A 488 20.93 -20.78 14.96
C GLN A 488 19.44 -20.63 15.21
N GLU A 489 18.86 -19.54 14.69
N GLU A 489 18.86 -19.54 14.69
CA GLU A 489 17.44 -19.28 14.86
CA GLU A 489 17.43 -19.27 14.85
C GLU A 489 16.61 -20.04 13.83
C GLU A 489 16.61 -20.05 13.83
N SER A 490 15.30 -20.05 14.03
CA SER A 490 14.39 -20.76 13.13
C SER A 490 14.48 -20.21 11.71
N LYS A 491 14.48 -21.12 10.73
CA LYS A 491 14.58 -20.70 9.34
C LYS A 491 13.24 -20.53 8.65
N TRP A 492 13.06 -19.35 8.05
CA TRP A 492 11.85 -19.03 7.30
C TRP A 492 12.05 -19.76 5.98
N PRO A 493 11.32 -20.86 5.77
CA PRO A 493 11.49 -21.61 4.53
C PRO A 493 11.04 -20.83 3.29
N LEU A 494 11.65 -21.18 2.17
CA LEU A 494 11.34 -20.56 0.88
C LEU A 494 10.00 -21.11 0.40
N PHE A 495 9.18 -20.24 -0.18
CA PHE A 495 7.88 -20.66 -0.69
C PHE A 495 8.10 -21.24 -2.07
N THR A 496 7.63 -22.47 -2.27
CA THR A 496 7.79 -23.13 -3.55
C THR A 496 6.44 -23.55 -4.13
N THR A 497 6.42 -23.73 -5.45
CA THR A 497 5.21 -24.16 -6.14
C THR A 497 4.73 -25.49 -5.55
N LYS A 498 5.68 -26.36 -5.24
CA LYS A 498 5.37 -27.68 -4.72
C LYS A 498 4.88 -27.66 -3.27
N GLU A 499 5.75 -27.27 -2.34
CA GLU A 499 5.41 -27.25 -0.92
C GLU A 499 4.53 -26.08 -0.48
N GLN A 500 4.72 -24.92 -1.10
CA GLN A 500 3.91 -23.74 -0.77
C GLN A 500 3.92 -23.39 0.71
N LYS A 501 5.10 -23.39 1.31
CA LYS A 501 5.23 -23.09 2.74
C LYS A 501 5.22 -21.61 3.10
N PHE A 502 4.79 -21.33 4.33
CA PHE A 502 4.78 -19.97 4.85
C PHE A 502 4.93 -20.05 6.37
N ILE A 503 5.13 -18.91 7.02
CA ILE A 503 5.27 -18.91 8.47
C ILE A 503 4.31 -17.92 9.08
N ASP A 504 4.04 -18.11 10.37
CA ASP A 504 3.18 -17.21 11.12
C ASP A 504 4.14 -16.17 11.67
N LEU A 505 3.68 -14.93 11.80
CA LEU A 505 4.52 -13.88 12.36
C LEU A 505 3.82 -13.38 13.59
N ASN A 506 4.21 -13.88 14.75
CA ASN A 506 3.62 -13.47 16.00
C ASN A 506 4.65 -13.59 17.11
N THR A 507 4.22 -13.57 18.35
CA THR A 507 5.15 -13.63 19.46
C THR A 507 5.55 -15.04 19.91
N GLU A 508 4.87 -16.07 19.38
CA GLU A 508 5.17 -17.44 19.75
C GLU A 508 6.34 -17.95 18.90
N PRO A 509 6.89 -19.13 19.24
CA PRO A 509 8.00 -19.65 18.44
C PRO A 509 7.51 -19.98 17.01
N MET A 510 8.33 -19.65 16.02
CA MET A 510 7.98 -19.89 14.62
C MET A 510 7.34 -21.24 14.32
N LYS A 511 6.39 -21.22 13.40
CA LYS A 511 5.68 -22.40 12.96
C LYS A 511 5.54 -22.32 11.44
N VAL A 512 5.81 -23.42 10.76
CA VAL A 512 5.69 -23.45 9.31
C VAL A 512 4.38 -24.15 8.94
N HIS A 513 3.69 -23.59 7.95
CA HIS A 513 2.43 -24.15 7.46
C HIS A 513 2.52 -24.22 5.95
N GLN A 514 1.45 -24.71 5.31
CA GLN A 514 1.42 -24.82 3.86
C GLN A 514 0.03 -24.48 3.35
N ARG A 515 -0.05 -24.11 2.07
CA ARG A 515 -1.32 -23.79 1.43
C ARG A 515 -2.11 -22.74 2.21
N LEU A 516 -1.55 -21.54 2.33
CA LEU A 516 -2.23 -20.47 3.06
C LEU A 516 -3.61 -20.16 2.50
N ARG A 517 -4.64 -20.44 3.31
CA ARG A 517 -6.04 -20.19 2.96
C ARG A 517 -6.45 -20.81 1.62
N VAL A 518 -5.90 -21.98 1.32
CA VAL A 518 -6.17 -22.65 0.05
C VAL A 518 -7.65 -22.95 -0.26
N GLN A 519 -8.37 -23.48 0.72
CA GLN A 519 -9.79 -23.82 0.53
C GLN A 519 -10.61 -22.63 0.02
N MET A 520 -10.59 -21.54 0.78
CA MET A 520 -11.33 -20.34 0.41
C MET A 520 -10.83 -19.69 -0.86
N CYS A 521 -9.52 -19.72 -1.08
CA CYS A 521 -8.98 -19.08 -2.27
C CYS A 521 -9.25 -19.85 -3.55
N VAL A 522 -9.53 -21.16 -3.44
CA VAL A 522 -9.88 -21.92 -4.63
C VAL A 522 -11.25 -21.39 -5.06
N PHE A 523 -12.08 -21.11 -4.08
CA PHE A 523 -13.42 -20.57 -4.30
C PHE A 523 -13.38 -19.18 -4.98
N TRP A 524 -12.58 -18.27 -4.43
CA TRP A 524 -12.49 -16.92 -4.98
C TRP A 524 -11.66 -16.81 -6.26
N ASN A 525 -10.61 -17.61 -6.37
CA ASN A 525 -9.75 -17.51 -7.55
C ASN A 525 -10.16 -18.39 -8.72
N GLN A 526 -10.76 -19.53 -8.44
CA GLN A 526 -11.18 -20.45 -9.48
C GLN A 526 -12.68 -20.60 -9.69
N PHE A 527 -13.39 -21.06 -8.66
CA PHE A 527 -14.82 -21.28 -8.79
C PHE A 527 -15.73 -20.07 -9.04
N LEU A 528 -15.75 -19.12 -8.10
CA LEU A 528 -16.62 -17.96 -8.25
C LEU A 528 -16.45 -17.22 -9.58
N PRO A 529 -15.21 -16.94 -9.99
CA PRO A 529 -15.01 -16.24 -11.26
C PRO A 529 -15.67 -17.00 -12.41
N LYS A 530 -15.54 -18.33 -12.38
CA LYS A 530 -16.12 -19.18 -13.41
C LYS A 530 -17.64 -19.11 -13.38
N LEU A 531 -18.20 -19.03 -12.17
CA LEU A 531 -19.64 -18.97 -12.00
C LEU A 531 -20.23 -17.68 -12.56
N LEU A 532 -19.71 -16.54 -12.11
CA LEU A 532 -20.21 -15.25 -12.58
C LEU A 532 -20.06 -15.12 -14.10
N ASN A 533 -19.02 -15.73 -14.66
CA ASN A 533 -18.80 -15.67 -16.08
C ASN A 533 -19.73 -16.58 -16.87
N ALA A 534 -20.08 -17.73 -16.30
CA ALA A 534 -20.98 -18.66 -16.98
C ALA A 534 -22.41 -18.14 -16.92
N THR A 535 -22.71 -17.39 -15.86
CA THR A 535 -24.05 -16.83 -15.68
C THR A 535 -24.08 -15.34 -16.04
N ALA A 536 -23.55 -14.98 -17.11
C1 NAG B . 17.89 -17.83 -8.46
C2 NAG B . 17.69 -19.34 -8.29
C3 NAG B . 19.03 -20.09 -8.27
C4 NAG B . 19.92 -19.66 -9.45
C5 NAG B . 20.04 -18.13 -9.46
C6 NAG B . 20.88 -17.62 -10.60
C7 NAG B . 15.65 -19.73 -7.06
C8 NAG B . 14.94 -19.74 -5.70
N2 NAG B . 16.98 -19.61 -7.05
O3 NAG B . 18.79 -21.49 -8.34
O4 NAG B . 21.20 -20.25 -9.33
O5 NAG B . 18.72 -17.55 -9.59
O6 NAG B . 20.09 -17.18 -11.69
O7 NAG B . 14.99 -19.81 -8.09
C1 NAG C . 15.77 25.27 7.68
C2 NAG C . 14.78 25.11 8.86
C3 NAG C . 15.11 26.12 9.95
C4 NAG C . 16.61 26.45 9.96
C5 NAG C . 17.01 27.11 8.61
C6 NAG C . 18.43 26.80 8.19
C7 NAG C . 12.49 25.79 9.23
C8 NAG C . 11.92 24.88 10.31
N2 NAG C . 13.41 25.27 8.41
O3 NAG C . 14.73 25.60 11.22
O4 NAG C . 16.92 27.33 11.02
O5 NAG C . 16.15 26.65 7.54
O6 NAG C . 18.74 27.41 6.95
O7 NAG C . 12.09 26.95 9.13
C1 PGE D . -9.88 -14.07 18.32
O1 PGE D . -8.63 -13.37 18.31
C2 PGE D . -11.06 -13.22 18.94
O2 PGE D . -11.52 -11.84 18.37
C3 PGE D . -12.04 -11.74 16.97
C4 PGE D . -10.98 -12.14 15.96
O4 PGE D . -12.98 -13.74 11.77
C6 PGE D . -12.05 -12.91 12.48
C5 PGE D . -12.14 -13.09 14.01
O3 PGE D . -11.14 -12.19 14.57
C1 PGE E . -16.73 -21.07 7.33
O1 PGE E . -16.29 -21.36 8.65
C2 PGE E . -18.12 -21.65 7.12
O2 PGE E . -18.03 -23.05 7.33
C3 PGE E . -19.32 -23.66 7.14
C4 PGE E . -19.12 -25.18 7.40
O4 PGE E . -18.74 -27.09 11.23
C6 PGE E . -18.88 -25.66 11.23
C5 PGE E . -19.49 -25.20 9.90
O3 PGE E . -18.64 -25.57 8.74
C1 PGE F . -25.36 12.97 -12.12
O1 PGE F . -25.37 11.51 -12.21
C2 PGE F . -24.77 13.50 -10.78
O2 PGE F . -24.78 14.94 -10.78
C3 PGE F . -24.26 15.50 -9.57
C4 PGE F . -24.27 17.05 -9.65
O4 PGE F . -27.54 19.06 -11.25
C6 PGE F . -26.93 19.57 -10.04
C5 PGE F . -25.50 19.01 -9.88
O3 PGE F . -25.56 17.58 -9.82
N1 NWA G . -4.06 2.10 5.84
C2 NWA G . -4.87 1.26 4.94
C3 NWA G . -4.75 1.40 3.41
C5 NWA G . -4.97 0.00 1.36
O7 NWA G . -4.39 0.88 0.40
C6 NWA G . -6.36 -0.14 0.72
C8 NWA G . -4.54 3.48 5.91
C9 NWA G . -4.18 1.49 7.18
C10 NWA G . -2.61 2.14 5.55
C4 NWA G . -5.59 0.33 2.72
O7 CHH H . -12.40 4.75 4.81
C5 CHH H . -12.98 4.11 3.71
C6 CHH H . -12.56 2.89 3.48
C4 CHH H . -14.18 4.54 3.02
C3 CHH H . -14.56 5.71 3.75
C2 CHH H . -16.11 5.95 3.63
N1 CHH H . -16.61 6.90 2.58
C9 CHH H . -16.59 6.29 1.25
C10 CHH H . -18.02 7.07 2.83
C8 CHH H . -16.02 8.33 2.54
#